data_8OTV
#
_entry.id   8OTV
#
_cell.length_a   51.250
_cell.length_b   90.967
_cell.length_c   108.099
_cell.angle_alpha   90.00
_cell.angle_beta   90.00
_cell.angle_gamma   90.00
#
_symmetry.space_group_name_H-M   'P 21 21 21'
#
loop_
_entity.id
_entity.type
_entity.pdbx_description
1 polymer 'Uridine diphosphate glucose pyrophosphatase NUDT14'
2 non-polymer 1-(1-methylpiperidin-4-yl)-3-(4-phenoxyphenyl)pyrazolo[3,4-d]pyrimidin-4-amine
3 non-polymer 'DIMETHYL SULFOXIDE'
4 non-polymer 'MAGNESIUM ION'
5 water water
#
_entity_poly.entity_id   1
_entity_poly.type   'polypeptide(L)'
_entity_poly.pdbx_seq_one_letter_code
;SMERIEGASVGRCAASPYLRPLTLHYRQNGAQKSWDFMKTHDSVTVLLFNSSRRSLVLVKQFRPAVYAGEVERRFPGSLA
AVDQDGPRELQPALPGSAGVTVELCAGLVDQPGLSLEEVACKEAWEECGYHLAPSDLRRVATYWSGVGLTGSRQTMFYTE
VTDAQRSGPGGGLVEEGELIEVVHLPLEGAQAFADDPDIPKTLGVIFGVSWFLSQVAPNLDLQ
;
_entity_poly.pdbx_strand_id   A,B
#
# COMPACT_ATOMS: atom_id res chain seq x y z
N SER A 1 -3.13 26.93 -1.00
CA SER A 1 -4.30 26.98 -0.12
C SER A 1 -4.37 25.72 0.74
N MET A 2 -4.60 24.57 0.11
CA MET A 2 -4.61 23.32 0.86
C MET A 2 -3.24 22.93 1.37
N GLU A 3 -2.17 23.46 0.78
CA GLU A 3 -0.81 23.21 1.27
C GLU A 3 -0.39 24.15 2.38
N ARG A 4 -1.25 25.10 2.78
CA ARG A 4 -0.95 26.02 3.86
C ARG A 4 -1.36 25.38 5.18
N ILE A 5 -0.37 24.96 5.98
CA ILE A 5 -0.63 24.21 7.21
C ILE A 5 0.12 24.93 8.33
N GLU A 6 -0.61 25.36 9.37
CA GLU A 6 0.02 25.98 10.52
C GLU A 6 -0.48 25.37 11.83
N GLY A 7 0.28 25.64 12.90
CA GLY A 7 -0.09 25.20 14.22
C GLY A 7 -0.07 23.69 14.41
N ALA A 8 0.69 22.97 13.58
CA ALA A 8 0.70 21.52 13.64
C ALA A 8 1.19 21.04 15.01
N SER A 9 0.41 20.18 15.63
CA SER A 9 0.77 19.56 16.89
C SER A 9 0.33 18.10 16.85
N VAL A 10 0.98 17.28 17.68
CA VAL A 10 0.68 15.86 17.72
C VAL A 10 0.39 15.46 19.14
N GLY A 11 -0.55 14.53 19.30
CA GLY A 11 -0.94 14.02 20.60
C GLY A 11 -1.29 12.56 20.44
N ARG A 12 -1.43 11.89 21.57
CA ARG A 12 -1.94 10.54 21.56
C ARG A 12 -3.39 10.54 21.08
N CYS A 13 -3.79 9.47 20.41
CA CYS A 13 -5.18 9.26 20.03
C CYS A 13 -5.72 8.09 20.85
N ALA A 14 -6.80 8.33 21.59
CA ALA A 14 -7.45 7.25 22.31
C ALA A 14 -8.51 6.63 21.40
N ALA A 15 -9.77 7.00 21.59
CA ALA A 15 -10.85 6.49 20.75
C ALA A 15 -10.90 7.26 19.43
N SER A 16 -11.17 6.54 18.34
CA SER A 16 -11.32 7.15 17.02
C SER A 16 -12.29 6.33 16.19
N PRO A 17 -13.16 6.98 15.40
CA PRO A 17 -13.99 6.23 14.46
C PRO A 17 -13.17 5.55 13.36
N TYR A 18 -11.94 5.98 13.14
CA TYR A 18 -11.17 5.52 11.98
C TYR A 18 -10.14 4.46 12.31
N LEU A 19 -9.71 4.34 13.56
CA LEU A 19 -8.69 3.38 13.97
C LEU A 19 -9.35 2.22 14.72
N ARG A 20 -9.21 1.01 14.20
CA ARG A 20 -9.74 -0.20 14.82
C ARG A 20 -8.61 -1.21 15.03
N PRO A 21 -7.70 -0.95 15.97
CA PRO A 21 -6.59 -1.88 16.20
C PRO A 21 -7.07 -3.17 16.85
N LEU A 22 -6.58 -4.29 16.33
CA LEU A 22 -6.96 -5.61 16.81
C LEU A 22 -5.74 -6.52 16.82
N THR A 23 -5.82 -7.57 17.62
CA THR A 23 -4.78 -8.60 17.67
C THR A 23 -5.40 -9.96 17.35
N LEU A 24 -4.86 -10.65 16.36
CA LEU A 24 -5.26 -12.02 16.09
C LEU A 24 -4.35 -12.97 16.88
N HIS A 25 -4.96 -13.85 17.65
CA HIS A 25 -4.23 -14.90 18.35
C HIS A 25 -4.50 -16.20 17.60
N TYR A 26 -3.45 -16.98 17.37
CA TYR A 26 -3.58 -18.16 16.51
C TYR A 26 -2.42 -19.11 16.76
N ARG A 27 -2.66 -20.37 16.43
CA ARG A 27 -1.67 -21.43 16.51
C ARG A 27 -1.23 -21.76 15.08
N GLN A 28 0.07 -21.63 14.81
CA GLN A 28 0.61 -21.89 13.47
C GLN A 28 1.54 -23.09 13.57
N ASN A 29 1.11 -24.21 12.99
CA ASN A 29 1.83 -25.47 13.08
C ASN A 29 2.23 -25.77 14.52
N GLY A 30 1.28 -25.60 15.43
CA GLY A 30 1.45 -25.96 16.82
C GLY A 30 1.89 -24.83 17.73
N ALA A 31 2.55 -23.80 17.21
CA ALA A 31 3.11 -22.74 18.04
C ALA A 31 2.12 -21.58 18.17
N GLN A 32 1.95 -21.09 19.40
CA GLN A 32 1.04 -19.98 19.66
C GLN A 32 1.69 -18.66 19.27
N LYS A 33 0.94 -17.81 18.57
CA LYS A 33 1.44 -16.54 18.09
C LYS A 33 0.34 -15.49 18.24
N SER A 34 0.74 -14.22 18.09
CA SER A 34 -0.20 -13.11 18.01
C SER A 34 0.29 -12.15 16.93
N TRP A 35 -0.63 -11.35 16.42
CA TRP A 35 -0.29 -10.42 15.35
C TRP A 35 -1.19 -9.19 15.48
N ASP A 36 -0.59 -8.01 15.43
CA ASP A 36 -1.33 -6.76 15.58
C ASP A 36 -1.68 -6.21 14.21
N PHE A 37 -2.93 -5.77 14.06
CA PHE A 37 -3.41 -5.25 12.80
C PHE A 37 -4.56 -4.30 13.06
N MET A 38 -5.10 -3.75 11.98
CA MET A 38 -6.20 -2.80 12.00
C MET A 38 -7.28 -3.30 11.06
N LYS A 39 -8.54 -3.25 11.51
CA LYS A 39 -9.66 -3.54 10.63
C LYS A 39 -9.92 -2.34 9.74
N THR A 40 -9.91 -2.54 8.42
CA THR A 40 -10.16 -1.46 7.49
C THR A 40 -11.05 -1.96 6.36
N HIS A 41 -11.61 -0.99 5.63
CA HIS A 41 -12.48 -1.28 4.51
C HIS A 41 -11.67 -1.59 3.26
N ASP A 42 -12.26 -2.38 2.37
CA ASP A 42 -11.73 -2.52 1.02
C ASP A 42 -11.80 -1.18 0.31
N SER A 43 -11.16 -1.09 -0.85
CA SER A 43 -11.13 0.19 -1.54
C SER A 43 -11.09 -0.03 -3.05
N VAL A 44 -11.37 1.05 -3.78
CA VAL A 44 -11.24 1.07 -5.24
C VAL A 44 -10.40 2.28 -5.60
N THR A 45 -9.70 2.17 -6.72
CA THR A 45 -8.93 3.26 -7.29
C THR A 45 -9.22 3.28 -8.78
N VAL A 46 -9.13 4.46 -9.37
CA VAL A 46 -9.48 4.59 -10.78
C VAL A 46 -8.49 5.54 -11.45
N LEU A 47 -7.88 5.07 -12.53
CA LEU A 47 -7.03 5.89 -13.37
C LEU A 47 -7.86 6.37 -14.56
N LEU A 48 -7.85 7.67 -14.80
CA LEU A 48 -8.57 8.27 -15.92
C LEU A 48 -7.56 8.82 -16.91
N PHE A 49 -7.80 8.60 -18.19
CA PHE A 49 -7.01 9.19 -19.26
C PHE A 49 -7.92 10.16 -20.01
N ASN A 50 -7.57 11.44 -19.98
CA ASN A 50 -8.34 12.46 -20.70
C ASN A 50 -7.75 12.57 -22.10
N SER A 51 -8.45 11.99 -23.08
CA SER A 51 -7.91 11.99 -24.45
C SER A 51 -7.94 13.37 -25.09
N SER A 52 -8.87 14.24 -24.66
CA SER A 52 -8.87 15.62 -25.18
C SER A 52 -7.59 16.36 -24.81
N ARG A 53 -7.07 16.11 -23.62
CA ARG A 53 -5.88 16.79 -23.14
C ARG A 53 -4.64 15.92 -23.20
N ARG A 54 -4.78 14.66 -23.61
CA ARG A 54 -3.68 13.70 -23.64
C ARG A 54 -2.98 13.67 -22.29
N SER A 55 -3.76 13.43 -21.24
CA SER A 55 -3.27 13.59 -19.88
C SER A 55 -3.95 12.58 -18.96
N LEU A 56 -3.18 12.04 -18.03
CA LEU A 56 -3.72 11.20 -16.97
C LEU A 56 -4.24 12.08 -15.83
N VAL A 57 -5.31 11.63 -15.19
CA VAL A 57 -5.98 12.38 -14.14
C VAL A 57 -5.58 11.80 -12.79
N LEU A 58 -4.97 12.63 -11.95
CA LEU A 58 -4.56 12.26 -10.60
C LEU A 58 -5.09 13.30 -9.63
N VAL A 59 -4.87 13.07 -8.33
CA VAL A 59 -5.32 13.98 -7.29
C VAL A 59 -4.19 14.27 -6.31
N LYS A 60 -4.18 15.52 -5.83
CA LYS A 60 -3.20 16.03 -4.87
C LYS A 60 -3.94 16.48 -3.63
N GLN A 61 -3.44 16.11 -2.45
CA GLN A 61 -4.07 16.54 -1.21
C GLN A 61 -3.08 16.42 -0.06
N PHE A 62 -3.42 17.08 1.05
CA PHE A 62 -2.60 17.01 2.25
C PHE A 62 -2.94 15.75 3.03
N ARG A 63 -1.93 14.94 3.35
CA ARG A 63 -2.14 13.72 4.11
C ARG A 63 -1.46 13.88 5.47
N PRO A 64 -2.21 14.12 6.54
CA PRO A 64 -1.57 14.35 7.84
C PRO A 64 -0.65 13.23 8.30
N ALA A 65 -0.96 11.97 8.01
CA ALA A 65 -0.07 10.90 8.44
C ALA A 65 1.26 10.95 7.68
N VAL A 66 1.21 11.34 6.40
CA VAL A 66 2.42 11.52 5.62
C VAL A 66 3.24 12.69 6.18
N TYR A 67 2.57 13.81 6.44
CA TYR A 67 3.25 14.97 7.01
C TYR A 67 4.00 14.59 8.30
N ALA A 68 3.32 13.89 9.21
CA ALA A 68 3.93 13.57 10.50
C ALA A 68 5.13 12.65 10.32
N GLY A 69 5.04 11.68 9.40
CA GLY A 69 6.18 10.83 9.10
C GLY A 69 7.34 11.59 8.50
N GLU A 70 7.05 12.59 7.67
CA GLU A 70 8.10 13.42 7.11
C GLU A 70 8.74 14.31 8.18
N VAL A 71 7.93 14.81 9.12
CA VAL A 71 8.50 15.60 10.20
C VAL A 71 9.41 14.73 11.06
N GLU A 72 8.98 13.50 11.34
CA GLU A 72 9.80 12.58 12.12
C GLU A 72 11.10 12.25 11.41
N ARG A 73 11.05 12.01 10.09
CA ARG A 73 12.25 11.70 9.34
C ARG A 73 13.26 12.84 9.41
N ARG A 74 12.78 14.08 9.31
CA ARG A 74 13.70 15.21 9.32
C ARG A 74 14.11 15.61 10.73
N PHE A 75 13.23 15.45 11.71
CA PHE A 75 13.51 15.79 13.11
C PHE A 75 13.20 14.58 13.99
N PRO A 76 14.13 13.63 14.09
CA PRO A 76 13.86 12.40 14.84
C PRO A 76 13.49 12.68 16.29
N GLY A 77 12.53 11.91 16.80
CA GLY A 77 11.99 12.13 18.13
C GLY A 77 10.78 13.04 18.18
N SER A 78 10.38 13.62 17.05
CA SER A 78 9.21 14.50 17.01
C SER A 78 7.96 13.77 17.48
N LEU A 79 7.78 12.52 17.06
CA LEU A 79 6.61 11.72 17.42
C LEU A 79 6.91 10.74 18.56
N ALA A 80 7.98 10.96 19.30
CA ALA A 80 8.39 10.01 20.35
C ALA A 80 7.64 10.27 21.64
N ALA A 81 7.29 9.19 22.34
CA ALA A 81 6.74 9.21 23.69
C ALA A 81 5.63 10.25 23.86
N VAL A 82 4.75 10.38 22.87
CA VAL A 82 3.67 11.36 22.94
C VAL A 82 2.73 11.01 24.09
N ASP A 83 2.44 9.73 24.27
CA ASP A 83 1.60 9.25 25.36
C ASP A 83 2.23 9.64 26.71
N PRO A 87 0.02 16.24 23.52
CA PRO A 87 -0.55 17.26 22.65
C PRO A 87 0.44 18.40 22.38
N ARG A 88 1.63 18.04 21.90
CA ARG A 88 2.74 18.98 21.85
C ARG A 88 2.89 19.57 20.45
N GLU A 89 3.14 20.87 20.39
CA GLU A 89 3.36 21.57 19.13
C GLU A 89 4.66 21.09 18.49
N LEU A 90 4.62 20.86 17.18
CA LEU A 90 5.80 20.38 16.46
C LEU A 90 6.77 21.54 16.27
N GLN A 91 7.85 21.53 17.05
CA GLN A 91 8.89 22.55 16.97
C GLN A 91 10.24 21.85 16.98
N PRO A 92 10.97 21.83 15.85
CA PRO A 92 10.60 22.47 14.58
C PRO A 92 9.55 21.69 13.79
N ALA A 93 9.03 22.32 12.73
CA ALA A 93 8.05 21.68 11.87
C ALA A 93 8.47 21.80 10.40
N LEU A 94 7.63 21.34 9.50
CA LEU A 94 7.85 21.42 8.07
C LEU A 94 6.68 22.16 7.43
N PRO A 95 6.89 22.77 6.26
CA PRO A 95 5.74 23.32 5.52
C PRO A 95 4.74 22.23 5.18
N GLY A 96 3.49 22.64 5.00
CA GLY A 96 2.45 21.68 4.68
C GLY A 96 2.71 20.89 3.41
N SER A 97 3.49 21.45 2.49
CA SER A 97 3.76 20.77 1.23
C SER A 97 4.46 19.43 1.45
N ALA A 98 5.13 19.26 2.60
CA ALA A 98 5.81 17.99 2.88
C ALA A 98 4.82 16.83 3.04
N GLY A 99 3.56 17.09 3.36
CA GLY A 99 2.56 16.06 3.47
C GLY A 99 1.62 15.97 2.29
N VAL A 100 1.84 16.74 1.24
CA VAL A 100 0.99 16.72 0.06
C VAL A 100 1.44 15.58 -0.83
N THR A 101 0.52 14.68 -1.14
CA THR A 101 0.82 13.52 -1.97
C THR A 101 0.15 13.66 -3.32
N VAL A 102 0.64 12.87 -4.27
CA VAL A 102 -0.05 12.62 -5.54
C VAL A 102 -0.55 11.19 -5.51
N GLU A 103 -1.85 11.01 -5.78
CA GLU A 103 -2.48 9.71 -5.65
C GLU A 103 -3.40 9.48 -6.85
N LEU A 104 -3.83 8.23 -7.01
CA LEU A 104 -4.95 7.93 -7.88
C LEU A 104 -6.22 8.33 -7.15
N CYS A 105 -7.25 8.68 -7.93
CA CYS A 105 -8.59 8.80 -7.36
C CYS A 105 -8.94 7.49 -6.68
N ALA A 106 -9.43 7.57 -5.45
CA ALA A 106 -9.63 6.36 -4.66
C ALA A 106 -10.67 6.64 -3.59
N GLY A 107 -11.32 5.56 -3.15
CA GLY A 107 -12.28 5.67 -2.07
C GLY A 107 -12.53 4.33 -1.43
N LEU A 108 -13.14 4.38 -0.25
CA LEU A 108 -13.40 3.19 0.53
C LEU A 108 -14.69 2.51 0.06
N VAL A 109 -14.71 1.18 0.20
CA VAL A 109 -15.91 0.38 -0.07
C VAL A 109 -16.68 0.32 1.25
N ASP A 110 -17.51 1.32 1.50
CA ASP A 110 -18.23 1.40 2.76
C ASP A 110 -19.70 1.77 2.57
N GLN A 111 -20.23 1.59 1.38
CA GLN A 111 -21.64 1.88 1.10
C GLN A 111 -22.29 0.62 0.57
N PRO A 112 -23.13 -0.05 1.35
CA PRO A 112 -23.72 -1.32 0.89
C PRO A 112 -24.68 -1.09 -0.26
N GLY A 113 -24.86 -2.14 -1.07
CA GLY A 113 -25.70 -2.07 -2.24
C GLY A 113 -25.01 -1.54 -3.49
N LEU A 114 -23.83 -0.96 -3.36
CA LEU A 114 -23.09 -0.44 -4.51
C LEU A 114 -22.03 -1.43 -4.96
N SER A 115 -21.98 -1.65 -6.27
CA SER A 115 -20.90 -2.41 -6.87
C SER A 115 -19.59 -1.63 -6.74
N LEU A 116 -18.47 -2.33 -6.97
CA LEU A 116 -17.18 -1.66 -6.95
C LEU A 116 -17.12 -0.57 -8.03
N GLU A 117 -17.72 -0.84 -9.19
CA GLU A 117 -17.77 0.16 -10.26
C GLU A 117 -18.51 1.41 -9.83
N GLU A 118 -19.67 1.24 -9.18
CA GLU A 118 -20.42 2.40 -8.72
C GLU A 118 -19.64 3.19 -7.68
N VAL A 119 -18.92 2.50 -6.79
CA VAL A 119 -18.08 3.22 -5.83
C VAL A 119 -17.02 4.03 -6.57
N ALA A 120 -16.39 3.45 -7.59
CA ALA A 120 -15.36 4.18 -8.32
C ALA A 120 -15.95 5.38 -9.06
N CYS A 121 -17.17 5.23 -9.60
CA CYS A 121 -17.80 6.35 -10.30
C CYS A 121 -18.10 7.51 -9.35
N LYS A 122 -18.63 7.20 -8.16
CA LYS A 122 -18.90 8.25 -7.18
C LYS A 122 -17.62 8.97 -6.78
N GLU A 123 -16.52 8.23 -6.56
CA GLU A 123 -15.26 8.87 -6.20
C GLU A 123 -14.69 9.69 -7.35
N ALA A 124 -14.79 9.19 -8.59
CA ALA A 124 -14.32 9.99 -9.73
C ALA A 124 -15.09 11.29 -9.85
N TRP A 125 -16.38 11.29 -9.49
CA TRP A 125 -17.13 12.53 -9.50
C TRP A 125 -16.71 13.42 -8.33
N GLU A 126 -16.71 12.87 -7.12
CA GLU A 126 -16.52 13.68 -5.92
C GLU A 126 -15.09 14.21 -5.81
N GLU A 127 -14.09 13.41 -6.22
CA GLU A 127 -12.70 13.82 -6.09
C GLU A 127 -12.16 14.50 -7.34
N CYS A 128 -12.55 14.03 -8.53
CA CYS A 128 -11.95 14.51 -9.76
C CYS A 128 -12.86 15.37 -10.61
N GLY A 129 -14.15 15.45 -10.27
CA GLY A 129 -15.05 16.23 -11.08
C GLY A 129 -15.29 15.67 -12.47
N TYR A 130 -15.21 14.35 -12.62
CA TYR A 130 -15.46 13.70 -13.90
C TYR A 130 -16.73 12.85 -13.80
N HIS A 131 -17.59 12.96 -14.80
CA HIS A 131 -18.81 12.16 -14.89
C HIS A 131 -18.52 10.86 -15.62
N LEU A 132 -18.70 9.74 -14.92
CA LEU A 132 -18.40 8.41 -15.42
C LEU A 132 -19.65 7.54 -15.34
N ALA A 133 -19.74 6.57 -16.26
CA ALA A 133 -20.72 5.51 -16.09
C ALA A 133 -20.03 4.23 -15.66
N PRO A 134 -20.64 3.44 -14.77
CA PRO A 134 -19.99 2.19 -14.32
C PRO A 134 -19.59 1.27 -15.45
N SER A 135 -20.35 1.22 -16.54
CA SER A 135 -19.98 0.39 -17.68
C SER A 135 -18.77 0.93 -18.43
N ASP A 136 -18.36 2.17 -18.18
CA ASP A 136 -17.15 2.72 -18.76
C ASP A 136 -15.89 2.10 -18.17
N LEU A 137 -15.99 1.50 -16.99
CA LEU A 137 -14.81 1.14 -16.21
C LEU A 137 -14.34 -0.25 -16.57
N ARG A 138 -13.03 -0.40 -16.71
CA ARG A 138 -12.38 -1.67 -16.97
C ARG A 138 -11.48 -2.01 -15.79
N ARG A 139 -11.60 -3.24 -15.28
CA ARG A 139 -10.80 -3.69 -14.16
C ARG A 139 -9.35 -3.88 -14.59
N VAL A 140 -8.42 -3.20 -13.93
CA VAL A 140 -7.00 -3.35 -14.24
C VAL A 140 -6.37 -4.44 -13.39
N ALA A 141 -6.61 -4.40 -12.08
CA ALA A 141 -6.02 -5.36 -11.17
C ALA A 141 -6.80 -5.35 -9.87
N THR A 142 -6.72 -6.47 -9.16
CA THR A 142 -7.19 -6.58 -7.79
C THR A 142 -6.06 -7.19 -6.97
N TYR A 143 -5.88 -6.72 -5.74
CA TYR A 143 -4.73 -7.15 -4.95
C TYR A 143 -4.97 -6.82 -3.49
N TRP A 144 -4.15 -7.43 -2.63
CA TRP A 144 -4.11 -7.08 -1.23
C TRP A 144 -3.29 -5.82 -1.04
N SER A 145 -3.86 -4.83 -0.36
CA SER A 145 -3.10 -3.68 0.09
C SER A 145 -2.76 -3.84 1.58
N GLY A 146 -1.60 -3.30 1.97
CA GLY A 146 -1.18 -3.30 3.35
C GLY A 146 -1.24 -4.63 4.06
N VAL A 147 -0.58 -5.65 3.50
CA VAL A 147 -0.69 -7.00 4.02
C VAL A 147 -0.14 -7.13 5.44
N GLY A 148 0.69 -6.19 5.86
CA GLY A 148 1.33 -6.31 7.16
C GLY A 148 0.39 -5.93 8.29
N LEU A 149 -0.40 -4.88 8.09
CA LEU A 149 -1.21 -4.32 9.16
C LEU A 149 -2.69 -4.20 8.85
N THR A 150 -3.11 -4.40 7.59
CA THR A 150 -4.51 -4.29 7.21
C THR A 150 -4.89 -5.42 6.25
N GLY A 151 -6.10 -5.94 6.37
CA GLY A 151 -6.42 -7.08 5.53
C GLY A 151 -7.30 -6.75 4.35
N SER A 152 -7.13 -5.59 3.73
CA SER A 152 -8.12 -5.05 2.81
C SER A 152 -7.74 -5.28 1.35
N ARG A 153 -8.75 -5.56 0.55
CA ARG A 153 -8.60 -5.73 -0.88
C ARG A 153 -8.77 -4.38 -1.57
N GLN A 154 -8.03 -4.16 -2.64
CA GLN A 154 -8.15 -2.94 -3.43
C GLN A 154 -8.27 -3.31 -4.90
N THR A 155 -9.20 -2.65 -5.60
CA THR A 155 -9.46 -2.91 -7.01
C THR A 155 -9.22 -1.65 -7.82
N MET A 156 -8.37 -1.77 -8.83
CA MET A 156 -8.01 -0.66 -9.72
C MET A 156 -8.78 -0.74 -11.03
N PHE A 157 -9.43 0.37 -11.38
CA PHE A 157 -10.14 0.50 -12.65
C PHE A 157 -9.44 1.52 -13.54
N TYR A 158 -9.76 1.45 -14.83
CA TYR A 158 -9.27 2.39 -15.82
C TYR A 158 -10.41 2.80 -16.73
N THR A 159 -10.43 4.07 -17.13
CA THR A 159 -11.35 4.51 -18.17
C THR A 159 -10.78 5.72 -18.88
N GLU A 160 -11.09 5.84 -20.17
CA GLU A 160 -10.80 7.04 -20.94
C GLU A 160 -11.96 8.03 -20.81
N VAL A 161 -11.63 9.31 -20.78
CA VAL A 161 -12.62 10.39 -20.69
C VAL A 161 -12.24 11.49 -21.67
N THR A 162 -13.20 12.37 -21.94
CA THR A 162 -12.96 13.57 -22.69
C THR A 162 -13.32 14.78 -21.85
N ASP A 163 -13.02 15.97 -22.37
CA ASP A 163 -13.36 17.19 -21.67
C ASP A 163 -14.87 17.35 -21.51
N ALA A 164 -15.67 16.63 -22.32
CA ALA A 164 -17.12 16.69 -22.20
C ALA A 164 -17.61 16.05 -20.91
N GLN A 165 -16.79 15.25 -20.25
CA GLN A 165 -17.12 14.62 -18.98
C GLN A 165 -16.53 15.35 -17.77
N ARG A 166 -15.88 16.49 -17.98
CA ARG A 166 -15.24 17.25 -16.91
C ARG A 166 -16.17 18.33 -16.37
N SER A 167 -16.37 18.33 -15.05
CA SER A 167 -17.17 19.38 -14.43
C SER A 167 -16.38 20.68 -14.39
N GLY A 168 -17.11 21.80 -14.36
CA GLY A 168 -16.50 23.09 -14.27
C GLY A 168 -15.87 23.33 -12.92
N PRO A 169 -15.29 24.51 -12.75
CA PRO A 169 -14.79 24.90 -11.42
C PRO A 169 -15.95 25.02 -10.44
N GLY A 170 -15.85 24.30 -9.33
CA GLY A 170 -16.96 24.13 -8.42
C GLY A 170 -17.85 22.96 -8.85
N GLY A 171 -18.77 22.60 -7.96
CA GLY A 171 -19.75 21.60 -8.35
C GLY A 171 -20.07 20.51 -7.35
N GLY A 172 -19.08 20.05 -6.60
CA GLY A 172 -19.31 18.94 -5.70
C GLY A 172 -19.66 19.34 -4.27
N LEU A 173 -20.17 20.56 -4.09
CA LEU A 173 -20.36 21.16 -2.76
C LEU A 173 -19.12 21.00 -1.87
N LEU A 179 -9.59 19.34 1.06
CA LEU A 179 -9.52 19.99 -0.25
C LEU A 179 -8.52 19.26 -1.14
N ILE A 180 -8.94 19.02 -2.38
CA ILE A 180 -8.22 18.18 -3.33
C ILE A 180 -7.94 19.01 -4.56
N GLU A 181 -6.73 18.88 -5.11
CA GLU A 181 -6.39 19.49 -6.39
C GLU A 181 -6.35 18.39 -7.45
N VAL A 182 -7.13 18.56 -8.50
CA VAL A 182 -7.13 17.61 -9.60
C VAL A 182 -5.86 17.85 -10.42
N VAL A 183 -5.14 16.77 -10.72
CA VAL A 183 -3.90 16.83 -11.47
C VAL A 183 -4.13 16.23 -12.85
N HIS A 184 -3.72 16.95 -13.89
CA HIS A 184 -3.69 16.44 -15.26
C HIS A 184 -2.23 16.31 -15.68
N LEU A 185 -1.77 15.08 -15.81
CA LEU A 185 -0.37 14.79 -16.10
C LEU A 185 -0.20 14.46 -17.58
N PRO A 186 0.44 15.32 -18.38
CA PRO A 186 0.61 15.02 -19.81
C PRO A 186 1.39 13.73 -20.02
N LEU A 187 1.05 13.03 -21.10
CA LEU A 187 1.73 11.78 -21.42
C LEU A 187 3.22 11.98 -21.69
N GLU A 188 3.60 13.13 -22.26
CA GLU A 188 5.01 13.50 -22.46
C GLU A 188 5.90 13.10 -21.28
N GLY A 189 5.65 13.68 -20.11
CA GLY A 189 6.53 13.49 -18.99
C GLY A 189 5.90 12.66 -17.89
N ALA A 190 4.94 11.82 -18.25
CA ALA A 190 4.24 11.01 -17.25
C ALA A 190 5.19 10.01 -16.60
N GLN A 191 6.01 9.34 -17.41
CA GLN A 191 6.97 8.38 -16.85
C GLN A 191 8.00 9.07 -16.00
N ALA A 192 8.57 10.19 -16.49
CA ALA A 192 9.53 10.95 -15.71
C ALA A 192 8.92 11.42 -14.40
N PHE A 193 7.63 11.78 -14.42
CA PHE A 193 6.92 12.17 -13.20
C PHE A 193 6.87 11.01 -12.21
N ALA A 194 6.45 9.83 -12.67
CA ALA A 194 6.40 8.67 -11.79
C ALA A 194 7.78 8.30 -11.26
N ASP A 195 8.84 8.52 -12.05
CA ASP A 195 10.18 8.18 -11.62
C ASP A 195 10.80 9.23 -10.70
N ASP A 196 10.15 10.38 -10.53
CA ASP A 196 10.73 11.49 -9.78
C ASP A 196 10.66 11.19 -8.29
N PRO A 197 11.80 10.98 -7.63
CA PRO A 197 11.77 10.65 -6.19
C PRO A 197 11.38 11.83 -5.32
N ASP A 198 11.45 13.06 -5.84
CA ASP A 198 11.11 14.24 -5.06
C ASP A 198 9.61 14.50 -5.00
N ILE A 199 8.79 13.70 -5.69
CA ILE A 199 7.34 13.88 -5.69
C ILE A 199 6.71 12.77 -4.86
N PRO A 200 6.20 13.06 -3.65
CA PRO A 200 5.54 12.01 -2.85
C PRO A 200 4.33 11.42 -3.56
N LYS A 201 4.40 10.14 -3.92
CA LYS A 201 3.30 9.48 -4.60
C LYS A 201 3.18 8.05 -4.09
N THR A 202 2.12 7.38 -4.50
CA THR A 202 1.82 6.01 -4.12
C THR A 202 2.25 5.06 -5.22
N LEU A 203 2.31 3.77 -4.85
CA LEU A 203 2.60 2.74 -5.84
C LEU A 203 1.49 2.64 -6.89
N GLY A 204 0.25 2.93 -6.50
CA GLY A 204 -0.83 2.94 -7.49
C GLY A 204 -0.57 3.92 -8.62
N VAL A 205 -0.01 5.10 -8.29
CA VAL A 205 0.37 6.06 -9.33
C VAL A 205 1.49 5.49 -10.20
N ILE A 206 2.56 5.01 -9.56
CA ILE A 206 3.71 4.46 -10.30
C ILE A 206 3.26 3.31 -11.20
N PHE A 207 2.48 2.39 -10.65
CA PHE A 207 1.99 1.27 -11.47
C PHE A 207 1.02 1.76 -12.54
N GLY A 208 0.07 2.62 -12.17
CA GLY A 208 -0.91 3.10 -13.13
C GLY A 208 -0.26 3.77 -14.32
N VAL A 209 0.76 4.59 -14.07
CA VAL A 209 1.41 5.32 -15.16
C VAL A 209 2.15 4.37 -16.08
N SER A 210 2.93 3.45 -15.52
CA SER A 210 3.68 2.52 -16.35
C SER A 210 2.77 1.50 -17.03
N TRP A 211 1.70 1.08 -16.36
CA TRP A 211 0.72 0.19 -17.00
C TRP A 211 0.08 0.88 -18.19
N PHE A 212 -0.38 2.12 -18.02
CA PHE A 212 -1.03 2.83 -19.12
C PHE A 212 -0.07 3.00 -20.30
N LEU A 213 1.19 3.35 -20.03
CA LEU A 213 2.13 3.62 -21.11
C LEU A 213 2.47 2.36 -21.89
N SER A 214 2.50 1.20 -21.23
CA SER A 214 2.86 -0.04 -21.90
C SER A 214 1.66 -0.80 -22.44
N GLN A 215 0.47 -0.62 -21.86
CA GLN A 215 -0.71 -1.39 -22.24
C GLN A 215 -1.73 -0.63 -23.07
N VAL A 216 -1.82 0.69 -22.90
CA VAL A 216 -2.87 1.50 -23.53
C VAL A 216 -2.28 2.46 -24.57
N ALA A 217 -1.31 3.28 -24.16
CA ALA A 217 -0.73 4.28 -25.05
C ALA A 217 -0.28 3.75 -26.40
N PRO A 218 0.29 2.54 -26.54
CA PRO A 218 0.67 2.08 -27.88
C PRO A 218 -0.51 1.90 -28.81
N ASN A 219 -1.68 1.52 -28.30
CA ASN A 219 -2.84 1.23 -29.12
C ASN A 219 -3.67 2.45 -29.49
N LEU A 220 -3.27 3.64 -29.04
CA LEU A 220 -4.03 4.85 -29.33
C LEU A 220 -3.71 5.36 -30.73
N MET B 2 2.90 -24.37 7.68
CA MET B 2 2.82 -22.93 7.42
C MET B 2 1.37 -22.50 7.26
N GLU B 3 0.57 -23.44 6.74
CA GLU B 3 -0.82 -23.20 6.42
C GLU B 3 -1.78 -23.73 7.47
N ARG B 4 -1.29 -24.49 8.45
CA ARG B 4 -2.14 -25.07 9.49
C ARG B 4 -2.33 -24.03 10.59
N ILE B 5 -3.46 -23.33 10.54
CA ILE B 5 -3.79 -22.24 11.45
C ILE B 5 -4.95 -22.70 12.32
N GLU B 6 -4.77 -22.62 13.64
CA GLU B 6 -5.74 -23.18 14.59
C GLU B 6 -5.98 -22.22 15.75
N GLY B 7 -7.12 -22.42 16.42
CA GLY B 7 -7.48 -21.63 17.58
C GLY B 7 -7.52 -20.14 17.33
N ALA B 8 -7.91 -19.73 16.14
CA ALA B 8 -7.87 -18.31 15.79
C ALA B 8 -8.89 -17.54 16.63
N SER B 9 -8.41 -16.49 17.29
CA SER B 9 -9.27 -15.63 18.11
C SER B 9 -8.81 -14.20 17.92
N VAL B 10 -9.74 -13.27 18.11
CA VAL B 10 -9.48 -11.85 17.88
C VAL B 10 -9.72 -11.10 19.19
N GLY B 11 -8.78 -10.21 19.54
CA GLY B 11 -8.90 -9.42 20.74
C GLY B 11 -8.51 -7.98 20.48
N ARG B 12 -8.72 -7.14 21.48
CA ARG B 12 -8.36 -5.73 21.37
C ARG B 12 -6.85 -5.57 21.35
N CYS B 13 -6.38 -4.52 20.69
CA CYS B 13 -4.95 -4.23 20.59
C CYS B 13 -4.69 -2.85 21.17
N ALA B 14 -4.02 -2.79 22.33
CA ALA B 14 -3.83 -1.54 23.04
C ALA B 14 -2.43 -0.95 22.84
N ALA B 15 -1.38 -1.74 23.08
CA ALA B 15 -0.03 -1.18 23.00
C ALA B 15 0.52 -1.31 21.58
N SER B 16 1.23 -2.41 21.33
CA SER B 16 1.79 -2.81 20.04
C SER B 16 2.98 -1.96 19.61
N PRO B 17 4.12 -2.60 19.35
CA PRO B 17 5.26 -1.89 18.76
C PRO B 17 5.04 -1.48 17.30
N TYR B 18 4.02 -2.02 16.63
CA TYR B 18 3.84 -1.80 15.21
C TYR B 18 2.78 -0.77 14.85
N LEU B 19 1.89 -0.48 15.80
CA LEU B 19 0.80 0.49 15.59
C LEU B 19 0.71 1.40 16.80
N ARG B 20 0.97 2.68 16.62
CA ARG B 20 0.90 3.66 17.74
C ARG B 20 -0.13 4.72 17.37
N PRO B 21 -1.29 4.80 18.03
CA PRO B 21 -2.31 5.78 17.68
C PRO B 21 -1.94 7.22 18.01
N LEU B 22 -2.02 8.10 17.03
CA LEU B 22 -1.74 9.51 17.20
C LEU B 22 -2.82 10.36 16.51
N THR B 23 -2.91 11.61 16.94
CA THR B 23 -3.77 12.59 16.29
C THR B 23 -2.94 13.82 15.94
N LEU B 24 -2.99 14.22 14.68
CA LEU B 24 -2.38 15.48 14.26
C LEU B 24 -3.43 16.58 14.35
N HIS B 25 -3.07 17.67 15.03
CA HIS B 25 -3.92 18.84 15.14
C HIS B 25 -3.27 19.93 14.31
N TYR B 26 -4.04 20.57 13.43
CA TYR B 26 -3.45 21.50 12.48
C TYR B 26 -4.52 22.44 11.95
N ARG B 27 -4.08 23.61 11.51
CA ARG B 27 -4.95 24.56 10.83
C ARG B 27 -4.63 24.50 9.34
N GLN B 28 -5.66 24.29 8.52
CA GLN B 28 -5.38 24.16 7.10
C GLN B 28 -5.86 25.38 6.33
N ASN B 29 -7.15 25.45 6.02
CA ASN B 29 -7.68 26.64 5.36
C ASN B 29 -8.02 27.71 6.37
N GLY B 30 -7.06 28.01 7.26
CA GLY B 30 -7.33 28.76 8.46
C GLY B 30 -8.22 28.05 9.47
N ALA B 31 -8.77 26.90 9.12
CA ALA B 31 -9.72 26.17 9.95
C ALA B 31 -9.01 25.09 10.75
N GLN B 32 -9.48 24.88 11.98
CA GLN B 32 -8.88 23.93 12.90
C GLN B 32 -9.33 22.51 12.57
N LYS B 33 -8.37 21.61 12.36
CA LYS B 33 -8.67 20.25 11.95
C LYS B 33 -7.88 19.27 12.80
N SER B 34 -8.30 18.00 12.76
CA SER B 34 -7.55 16.93 13.40
C SER B 34 -7.68 15.67 12.57
N TRP B 35 -6.69 14.79 12.70
CA TRP B 35 -6.61 13.60 11.86
C TRP B 35 -5.98 12.48 12.68
N ASP B 36 -6.68 11.35 12.77
CA ASP B 36 -6.18 10.21 13.52
C ASP B 36 -5.43 9.25 12.61
N PHE B 37 -4.29 8.78 13.08
CA PHE B 37 -3.48 7.86 12.28
C PHE B 37 -2.64 6.99 13.22
N MET B 38 -2.05 5.96 12.63
CA MET B 38 -1.16 5.05 13.32
C MET B 38 0.27 5.37 12.90
N LYS B 39 1.16 5.57 13.87
CA LYS B 39 2.58 5.63 13.55
C LYS B 39 3.08 4.21 13.36
N THR B 40 3.76 3.96 12.24
CA THR B 40 4.21 2.62 11.86
C THR B 40 5.62 2.72 11.31
N HIS B 41 6.21 1.57 10.98
CA HIS B 41 7.55 1.54 10.42
C HIS B 41 7.52 1.72 8.91
N ASP B 42 8.57 2.33 8.38
CA ASP B 42 8.84 2.22 6.95
C ASP B 42 9.24 0.78 6.61
N SER B 43 9.35 0.48 5.32
CA SER B 43 9.68 -0.87 4.90
C SER B 43 10.48 -0.82 3.61
N VAL B 44 11.10 -1.96 3.29
CA VAL B 44 11.78 -2.15 2.02
C VAL B 44 11.29 -3.45 1.40
N THR B 45 11.32 -3.50 0.08
CA THR B 45 11.04 -4.73 -0.67
C THR B 45 12.15 -4.90 -1.69
N VAL B 46 12.37 -6.14 -2.12
CA VAL B 46 13.40 -6.39 -3.14
C VAL B 46 12.90 -7.48 -4.08
N LEU B 47 12.97 -7.18 -5.36
CA LEU B 47 12.64 -8.15 -6.42
C LEU B 47 13.95 -8.78 -6.91
N LEU B 48 14.03 -10.10 -6.85
N LEU B 48 14.04 -10.11 -6.85
CA LEU B 48 15.25 -10.83 -7.30
CA LEU B 48 15.25 -10.83 -7.30
C LEU B 48 14.93 -11.55 -8.61
C LEU B 48 14.94 -11.54 -8.62
N PHE B 49 15.87 -11.51 -9.55
CA PHE B 49 15.73 -12.21 -10.84
C PHE B 49 16.89 -13.21 -10.89
N ASN B 50 16.60 -14.49 -10.71
CA ASN B 50 17.63 -15.52 -10.79
C ASN B 50 17.85 -15.83 -12.27
N SER B 51 18.96 -15.34 -12.82
CA SER B 51 19.22 -15.53 -14.24
C SER B 51 19.66 -16.95 -14.58
N SER B 52 20.09 -17.74 -13.58
CA SER B 52 20.39 -19.14 -13.85
C SER B 52 19.12 -19.92 -14.15
N ARG B 53 18.03 -19.58 -13.46
CA ARG B 53 16.77 -20.30 -13.56
C ARG B 53 15.76 -19.57 -14.44
N ARG B 54 16.09 -18.37 -14.91
CA ARG B 54 15.16 -17.51 -15.63
C ARG B 54 13.83 -17.38 -14.87
N SER B 55 13.96 -17.03 -13.60
CA SER B 55 12.80 -16.94 -12.72
C SER B 55 12.92 -15.74 -11.82
N LEU B 56 11.79 -15.11 -11.52
CA LEU B 56 11.73 -14.12 -10.47
C LEU B 56 11.56 -14.81 -9.13
N VAL B 57 12.15 -14.24 -8.08
CA VAL B 57 12.10 -14.83 -6.75
C VAL B 57 11.06 -14.06 -5.92
N LEU B 58 10.07 -14.77 -5.39
CA LEU B 58 9.00 -14.20 -4.59
C LEU B 58 8.89 -14.99 -3.30
N VAL B 59 8.05 -14.51 -2.36
CA VAL B 59 7.85 -15.21 -1.09
C VAL B 59 6.37 -15.43 -0.85
N LYS B 60 6.07 -16.57 -0.24
CA LYS B 60 4.73 -17.01 0.15
C LYS B 60 4.71 -17.18 1.66
N GLN B 61 3.70 -16.61 2.33
CA GLN B 61 3.62 -16.70 3.79
C GLN B 61 2.20 -16.41 4.24
N PHE B 62 1.90 -16.83 5.47
CA PHE B 62 0.62 -16.52 6.11
C PHE B 62 0.63 -15.08 6.63
N ARG B 63 -0.38 -14.31 6.24
CA ARG B 63 -0.52 -12.94 6.72
C ARG B 63 -1.75 -12.85 7.61
N PRO B 64 -1.59 -12.77 8.93
CA PRO B 64 -2.77 -12.80 9.82
C PRO B 64 -3.78 -11.69 9.56
N ALA B 65 -3.33 -10.51 9.11
CA ALA B 65 -4.28 -9.43 8.84
C ALA B 65 -5.11 -9.74 7.60
N VAL B 66 -4.49 -10.34 6.58
CA VAL B 66 -5.23 -10.80 5.41
C VAL B 66 -6.21 -11.90 5.81
N TYR B 67 -5.78 -12.78 6.71
CA TYR B 67 -6.67 -13.85 7.18
C TYR B 67 -7.90 -13.26 7.88
N ALA B 68 -7.68 -12.33 8.82
CA ALA B 68 -8.80 -11.76 9.55
C ALA B 68 -9.76 -11.03 8.61
N GLY B 69 -9.24 -10.30 7.63
CA GLY B 69 -10.09 -9.65 6.67
C GLY B 69 -10.90 -10.63 5.85
N GLU B 70 -10.31 -11.80 5.55
CA GLU B 70 -11.05 -12.83 4.81
C GLU B 70 -12.10 -13.49 5.70
N VAL B 71 -11.85 -13.55 7.01
CA VAL B 71 -12.84 -14.10 7.92
C VAL B 71 -13.94 -13.09 8.22
N GLU B 72 -13.65 -11.78 8.13
CA GLU B 72 -14.72 -10.79 8.28
C GLU B 72 -15.69 -10.87 7.11
N ARG B 73 -15.17 -10.85 5.88
CA ARG B 73 -15.89 -11.45 4.77
C ARG B 73 -16.23 -12.89 5.15
N ARG B 74 -17.32 -13.43 4.60
CA ARG B 74 -17.76 -14.79 4.92
C ARG B 74 -18.39 -14.97 6.30
N PHE B 75 -17.85 -14.34 7.34
CA PHE B 75 -18.47 -14.36 8.67
C PHE B 75 -18.58 -12.91 9.15
N PRO B 76 -19.50 -12.13 8.59
CA PRO B 76 -19.61 -10.71 8.99
C PRO B 76 -19.87 -10.57 10.48
N GLY B 77 -19.27 -9.53 11.06
CA GLY B 77 -19.28 -9.34 12.49
C GLY B 77 -18.19 -10.08 13.23
N SER B 78 -17.33 -10.82 12.52
CA SER B 78 -16.24 -11.54 13.18
C SER B 78 -15.29 -10.58 13.87
N LEU B 79 -15.05 -9.41 13.26
CA LEU B 79 -14.11 -8.42 13.78
C LEU B 79 -14.82 -7.31 14.54
N ALA B 80 -16.01 -7.58 15.07
CA ALA B 80 -16.70 -6.58 15.88
C ALA B 80 -15.91 -6.30 17.16
N ALA B 81 -16.30 -5.23 17.85
CA ALA B 81 -15.58 -4.79 19.04
C ALA B 81 -15.54 -5.89 20.09
N VAL B 82 -14.34 -6.18 20.59
CA VAL B 82 -14.14 -7.25 21.56
C VAL B 82 -14.42 -6.72 22.96
N ASP B 83 -15.17 -7.48 23.75
CA ASP B 83 -15.53 -7.04 25.09
C ASP B 83 -14.41 -7.31 26.09
N GLN B 84 -14.74 -7.32 27.38
CA GLN B 84 -13.76 -7.46 28.44
C GLN B 84 -13.58 -8.91 28.90
N ASP B 85 -14.18 -9.87 28.20
CA ASP B 85 -14.07 -11.29 28.55
C ASP B 85 -12.98 -11.99 27.74
N GLY B 86 -11.93 -11.27 27.36
CA GLY B 86 -10.85 -11.85 26.61
C GLY B 86 -11.13 -11.90 25.12
N PRO B 87 -10.21 -12.47 24.36
CA PRO B 87 -10.39 -12.55 22.91
C PRO B 87 -11.61 -13.38 22.56
N ARG B 88 -12.21 -13.07 21.41
CA ARG B 88 -13.39 -13.78 20.94
C ARG B 88 -12.94 -14.88 19.98
N GLU B 89 -13.27 -16.12 20.30
CA GLU B 89 -12.87 -17.24 19.46
C GLU B 89 -13.61 -17.19 18.14
N LEU B 90 -12.89 -17.37 17.04
CA LEU B 90 -13.51 -17.45 15.73
C LEU B 90 -13.76 -18.91 15.37
N GLN B 91 -14.75 -19.50 16.03
CA GLN B 91 -15.12 -20.89 15.79
C GLN B 91 -16.55 -20.94 15.27
N PRO B 92 -16.77 -21.23 13.98
CA PRO B 92 -15.76 -21.60 12.97
C PRO B 92 -15.03 -20.43 12.33
N ALA B 93 -13.87 -20.73 11.76
CA ALA B 93 -13.06 -19.74 11.05
C ALA B 93 -12.84 -20.17 9.61
N LEU B 94 -11.68 -19.86 9.06
CA LEU B 94 -11.31 -20.22 7.70
C LEU B 94 -10.02 -21.02 7.72
N PRO B 95 -9.78 -21.87 6.71
CA PRO B 95 -8.48 -22.53 6.61
C PRO B 95 -7.37 -21.49 6.49
N GLY B 96 -6.18 -21.86 6.95
CA GLY B 96 -5.06 -20.93 6.96
C GLY B 96 -4.70 -20.41 5.59
N SER B 97 -4.98 -21.20 4.54
CA SER B 97 -4.66 -20.78 3.19
C SER B 97 -5.38 -19.48 2.80
N ALA B 98 -6.51 -19.19 3.44
CA ALA B 98 -7.22 -17.94 3.17
C ALA B 98 -6.36 -16.71 3.44
N GLY B 99 -5.35 -16.83 4.30
CA GLY B 99 -4.45 -15.72 4.58
C GLY B 99 -3.07 -15.81 3.96
N VAL B 100 -2.83 -16.79 3.08
CA VAL B 100 -1.52 -16.96 2.47
C VAL B 100 -1.42 -16.06 1.25
N THR B 101 -0.37 -15.27 1.20
CA THR B 101 -0.16 -14.30 0.13
C THR B 101 1.10 -14.64 -0.65
N VAL B 102 1.20 -14.07 -1.85
CA VAL B 102 2.45 -14.03 -2.61
C VAL B 102 2.91 -12.57 -2.63
N GLU B 103 4.17 -12.34 -2.26
CA GLU B 103 4.70 -11.00 -2.10
C GLU B 103 6.13 -10.95 -2.62
N LEU B 104 6.61 -9.72 -2.79
CA LEU B 104 8.05 -9.50 -2.87
C LEU B 104 8.67 -9.73 -1.50
N CYS B 105 9.89 -10.27 -1.50
CA CYS B 105 10.70 -10.28 -0.28
C CYS B 105 10.71 -8.88 0.33
N ALA B 106 10.51 -8.78 1.64
CA ALA B 106 10.28 -7.48 2.26
C ALA B 106 10.54 -7.54 3.75
N GLY B 107 10.66 -6.37 4.37
CA GLY B 107 10.84 -6.31 5.80
C GLY B 107 10.75 -4.90 6.32
N LEU B 108 10.64 -4.81 7.64
CA LEU B 108 10.50 -3.55 8.33
C LEU B 108 11.83 -2.80 8.38
N VAL B 109 11.73 -1.48 8.40
CA VAL B 109 12.87 -0.62 8.69
C VAL B 109 12.81 -0.34 10.18
N ASP B 110 13.45 -1.21 10.97
CA ASP B 110 13.39 -1.08 12.43
C ASP B 110 14.72 -1.34 13.11
N GLN B 111 15.83 -1.29 12.37
CA GLN B 111 17.17 -1.45 12.96
C GLN B 111 17.95 -0.16 12.73
N PRO B 112 18.09 0.69 13.75
CA PRO B 112 18.88 1.92 13.57
C PRO B 112 20.30 1.59 13.13
N GLY B 113 20.91 2.54 12.42
CA GLY B 113 22.24 2.37 11.91
C GLY B 113 22.34 1.65 10.58
N LEU B 114 21.30 0.91 10.17
CA LEU B 114 21.32 0.20 8.90
C LEU B 114 20.77 1.08 7.79
N SER B 115 21.46 1.07 6.64
CA SER B 115 20.91 1.66 5.45
C SER B 115 19.74 0.83 4.94
N LEU B 116 18.94 1.44 4.05
CA LEU B 116 17.85 0.70 3.43
C LEU B 116 18.38 -0.50 2.65
N GLU B 117 19.48 -0.32 1.92
CA GLU B 117 20.07 -1.43 1.17
C GLU B 117 20.45 -2.58 2.09
N GLU B 118 21.01 -2.26 3.26
CA GLU B 118 21.38 -3.32 4.20
C GLU B 118 20.16 -4.05 4.73
N VAL B 119 19.06 -3.33 5.00
CA VAL B 119 17.83 -3.99 5.41
C VAL B 119 17.38 -4.96 4.32
N ALA B 120 17.40 -4.51 3.06
CA ALA B 120 16.99 -5.37 1.96
C ALA B 120 17.87 -6.61 1.86
N CYS B 121 19.19 -6.44 2.06
CA CYS B 121 20.09 -7.59 1.99
C CYS B 121 19.78 -8.59 3.10
N LYS B 122 19.57 -8.08 4.32
CA LYS B 122 19.21 -8.96 5.44
C LYS B 122 17.96 -9.77 5.14
N GLU B 123 16.93 -9.12 4.56
CA GLU B 123 15.69 -9.83 4.25
C GLU B 123 15.87 -10.83 3.12
N ALA B 124 16.60 -10.44 2.07
CA ALA B 124 16.84 -11.38 0.97
C ALA B 124 17.55 -12.63 1.46
N TRP B 125 18.37 -12.50 2.51
CA TRP B 125 18.98 -13.69 3.10
C TRP B 125 17.99 -14.43 3.99
N GLU B 126 17.31 -13.71 4.89
CA GLU B 126 16.47 -14.37 5.88
C GLU B 126 15.23 -14.99 5.25
N GLU B 127 14.68 -14.35 4.22
CA GLU B 127 13.45 -14.86 3.61
C GLU B 127 13.70 -15.71 2.37
N CYS B 128 14.68 -15.36 1.55
CA CYS B 128 14.87 -16.01 0.27
C CYS B 128 16.09 -16.89 0.18
N GLY B 129 16.98 -16.86 1.17
CA GLY B 129 18.19 -17.68 1.10
C GLY B 129 19.18 -17.25 0.04
N TYR B 130 19.17 -15.97 -0.33
CA TYR B 130 20.08 -15.43 -1.33
C TYR B 130 21.05 -14.47 -0.67
N HIS B 131 22.34 -14.65 -0.94
CA HIS B 131 23.37 -13.76 -0.43
C HIS B 131 23.53 -12.56 -1.36
N LEU B 132 23.36 -11.37 -0.80
CA LEU B 132 23.42 -10.12 -1.55
C LEU B 132 24.41 -9.16 -0.90
N ALA B 133 25.06 -8.35 -1.73
CA ALA B 133 25.79 -7.22 -1.17
C ALA B 133 24.99 -5.94 -1.39
N PRO B 134 25.06 -4.96 -0.49
CA PRO B 134 24.29 -3.72 -0.70
C PRO B 134 24.57 -3.07 -2.04
N SER B 135 25.82 -3.17 -2.52
CA SER B 135 26.18 -2.64 -3.82
C SER B 135 25.50 -3.36 -4.99
N ASP B 136 24.93 -4.54 -4.75
CA ASP B 136 24.22 -5.26 -5.80
C ASP B 136 22.85 -4.68 -6.10
N LEU B 137 22.32 -3.83 -5.22
CA LEU B 137 20.92 -3.42 -5.27
C LEU B 137 20.75 -2.14 -6.08
N ARG B 138 19.68 -2.10 -6.87
CA ARG B 138 19.30 -0.93 -7.63
C ARG B 138 17.93 -0.47 -7.13
N ARG B 139 17.80 0.83 -6.89
CA ARG B 139 16.55 1.40 -6.42
C ARG B 139 15.56 1.48 -7.57
N VAL B 140 14.41 0.83 -7.43
CA VAL B 140 13.38 0.86 -8.48
C VAL B 140 12.38 1.98 -8.26
N ALA B 141 11.88 2.12 -7.04
CA ALA B 141 10.85 3.10 -6.75
C ALA B 141 10.78 3.32 -5.25
N THR B 142 10.46 4.55 -4.87
CA THR B 142 10.13 4.89 -3.49
C THR B 142 8.75 5.54 -3.49
N TYR B 143 7.92 5.16 -2.52
CA TYR B 143 6.53 5.59 -2.55
C TYR B 143 5.96 5.46 -1.14
N TRP B 144 4.78 6.02 -0.95
CA TRP B 144 4.10 5.87 0.33
C TRP B 144 3.14 4.71 0.23
N SER B 145 3.38 3.69 1.06
CA SER B 145 2.56 2.48 1.05
C SER B 145 1.28 2.66 1.83
N GLY B 146 1.25 3.66 2.72
CA GLY B 146 0.04 4.03 3.41
C GLY B 146 -0.03 5.54 3.39
N VAL B 147 -1.23 6.11 3.21
CA VAL B 147 -1.38 7.55 3.17
C VAL B 147 -2.51 8.00 4.08
N GLY B 148 -3.52 7.15 4.27
CA GLY B 148 -4.72 7.59 4.94
C GLY B 148 -4.69 7.40 6.45
N LEU B 149 -4.47 6.17 6.89
CA LEU B 149 -4.43 5.86 8.31
C LEU B 149 -3.01 5.59 8.79
N THR B 150 -2.06 5.53 7.87
CA THR B 150 -0.65 5.40 8.16
C THR B 150 0.10 6.30 7.19
N GLY B 151 1.33 6.62 7.53
CA GLY B 151 2.16 7.37 6.60
C GLY B 151 3.51 6.71 6.50
N SER B 152 3.55 5.49 5.96
CA SER B 152 4.78 4.73 5.88
C SER B 152 5.34 4.81 4.46
N ARG B 153 6.65 4.90 4.36
CA ARG B 153 7.37 4.89 3.10
C ARG B 153 7.88 3.48 2.83
N GLN B 154 7.83 3.07 1.57
CA GLN B 154 8.38 1.80 1.16
C GLN B 154 9.33 2.03 0.00
N THR B 155 10.49 1.39 0.05
CA THR B 155 11.51 1.49 -1.00
C THR B 155 11.70 0.12 -1.63
N MET B 156 11.57 0.05 -2.94
CA MET B 156 11.67 -1.19 -3.70
C MET B 156 13.01 -1.26 -4.40
N PHE B 157 13.72 -2.37 -4.20
CA PHE B 157 15.01 -2.62 -4.85
C PHE B 157 14.88 -3.75 -5.84
N TYR B 158 15.90 -3.87 -6.69
CA TYR B 158 15.99 -4.95 -7.67
C TYR B 158 17.44 -5.39 -7.81
N THR B 159 17.65 -6.71 -7.93
CA THR B 159 18.97 -7.20 -8.30
C THR B 159 18.83 -8.53 -9.02
N GLU B 160 19.79 -8.80 -9.91
CA GLU B 160 19.92 -10.10 -10.54
C GLU B 160 20.80 -11.00 -9.69
N VAL B 161 20.39 -12.26 -9.54
CA VAL B 161 21.18 -13.24 -8.80
C VAL B 161 21.37 -14.46 -9.68
N THR B 162 22.33 -15.31 -9.29
CA THR B 162 22.49 -16.63 -9.86
C THR B 162 22.39 -17.66 -8.75
N ASP B 163 22.39 -18.93 -9.15
CA ASP B 163 22.39 -20.00 -8.15
C ASP B 163 23.65 -19.94 -7.27
N ALA B 164 24.73 -19.32 -7.75
CA ALA B 164 25.92 -19.20 -6.92
C ALA B 164 25.69 -18.37 -5.67
N GLN B 165 24.63 -17.56 -5.64
CA GLN B 165 24.30 -16.77 -4.46
C GLN B 165 23.21 -17.41 -3.62
N ARG B 166 22.75 -18.60 -3.98
CA ARG B 166 21.66 -19.25 -3.27
C ARG B 166 22.22 -20.22 -2.24
N SER B 167 21.72 -20.13 -1.01
CA SER B 167 22.19 -21.06 0.00
C SER B 167 21.61 -22.45 -0.26
N GLY B 168 22.27 -23.46 0.30
CA GLY B 168 21.80 -24.81 0.17
C GLY B 168 20.77 -25.13 1.25
N PRO B 169 20.10 -26.27 1.12
CA PRO B 169 19.17 -26.73 2.17
C PRO B 169 19.92 -27.29 3.38
N LEU B 179 7.14 -19.31 9.27
CA LEU B 179 7.82 -19.95 8.14
C LEU B 179 7.44 -19.28 6.83
N ILE B 180 8.37 -19.22 5.88
CA ILE B 180 8.18 -18.58 4.59
C ILE B 180 8.56 -19.57 3.49
N GLU B 181 7.79 -19.55 2.40
CA GLU B 181 8.09 -20.33 1.20
C GLU B 181 8.73 -19.43 0.15
N VAL B 182 9.87 -19.85 -0.37
CA VAL B 182 10.48 -19.16 -1.51
C VAL B 182 9.81 -19.65 -2.78
N VAL B 183 9.32 -18.72 -3.59
CA VAL B 183 8.68 -19.03 -4.86
C VAL B 183 9.62 -18.62 -5.99
N HIS B 184 9.83 -19.51 -6.95
CA HIS B 184 10.59 -19.18 -8.16
C HIS B 184 9.61 -19.18 -9.33
N LEU B 185 9.31 -17.99 -9.85
CA LEU B 185 8.31 -17.81 -10.88
C LEU B 185 8.99 -17.72 -12.24
N PRO B 186 8.89 -18.74 -13.10
CA PRO B 186 9.51 -18.66 -14.43
C PRO B 186 9.01 -17.46 -15.21
N LEU B 187 9.90 -16.86 -16.01
CA LEU B 187 9.55 -15.66 -16.76
C LEU B 187 8.43 -15.95 -17.76
N GLU B 188 8.38 -17.17 -18.29
CA GLU B 188 7.41 -17.51 -19.33
C GLU B 188 5.98 -17.28 -18.88
N GLY B 189 5.65 -17.67 -17.66
CA GLY B 189 4.30 -17.51 -17.14
C GLY B 189 4.12 -16.35 -16.19
N ALA B 190 5.12 -15.47 -16.06
CA ALA B 190 5.11 -14.45 -15.01
C ALA B 190 3.93 -13.51 -15.17
N GLN B 191 3.70 -12.99 -16.39
CA GLN B 191 2.63 -12.03 -16.57
C GLN B 191 1.27 -12.66 -16.31
N ALA B 192 1.04 -13.87 -16.82
CA ALA B 192 -0.23 -14.55 -16.57
C ALA B 192 -0.43 -14.81 -15.08
N PHE B 193 0.65 -15.15 -14.37
CA PHE B 193 0.59 -15.29 -12.92
C PHE B 193 0.19 -13.98 -12.27
N ALA B 194 0.79 -12.86 -12.70
CA ALA B 194 0.46 -11.58 -12.10
C ALA B 194 -0.95 -11.14 -12.44
N ASP B 195 -1.44 -11.47 -13.64
CA ASP B 195 -2.79 -11.13 -14.05
C ASP B 195 -3.86 -12.01 -13.43
N ASP B 196 -3.49 -13.08 -12.74
CA ASP B 196 -4.47 -14.06 -12.27
C ASP B 196 -5.11 -13.56 -10.98
N PRO B 197 -6.42 -13.29 -10.96
CA PRO B 197 -7.07 -12.81 -9.73
C PRO B 197 -7.30 -13.89 -8.69
N ASP B 198 -7.17 -15.16 -9.03
CA ASP B 198 -7.30 -16.24 -8.05
C ASP B 198 -6.05 -16.41 -7.21
N ILE B 199 -4.98 -15.71 -7.54
CA ILE B 199 -3.70 -15.86 -6.83
C ILE B 199 -3.56 -14.65 -5.91
N PRO B 200 -3.68 -14.82 -4.61
CA PRO B 200 -3.62 -13.66 -3.69
C PRO B 200 -2.23 -13.04 -3.65
N LYS B 201 -2.09 -11.88 -4.27
CA LYS B 201 -0.79 -11.22 -4.35
C LYS B 201 -0.98 -9.73 -4.10
N THR B 202 0.14 -9.03 -4.00
CA THR B 202 0.19 -7.61 -3.70
C THR B 202 0.40 -6.78 -4.96
N LEU B 203 0.16 -5.48 -4.85
CA LEU B 203 0.47 -4.59 -5.98
C LEU B 203 1.98 -4.58 -6.25
N GLY B 204 2.80 -4.77 -5.21
CA GLY B 204 4.23 -4.86 -5.43
C GLY B 204 4.61 -5.98 -6.38
N VAL B 205 3.92 -7.13 -6.27
CA VAL B 205 4.18 -8.23 -7.19
C VAL B 205 3.70 -7.87 -8.59
N ILE B 206 2.49 -7.35 -8.70
CA ILE B 206 1.93 -7.00 -10.00
C ILE B 206 2.83 -5.99 -10.69
N PHE B 207 3.26 -4.95 -9.96
CA PHE B 207 4.14 -3.94 -10.54
C PHE B 207 5.53 -4.50 -10.82
N GLY B 208 6.10 -5.25 -9.87
CA GLY B 208 7.44 -5.77 -10.06
C GLY B 208 7.55 -6.67 -11.28
N VAL B 209 6.54 -7.52 -11.48
CA VAL B 209 6.52 -8.38 -12.66
C VAL B 209 6.42 -7.54 -13.94
N SER B 210 5.49 -6.59 -13.95
CA SER B 210 5.28 -5.76 -15.13
C SER B 210 6.50 -4.89 -15.42
N TRP B 211 7.10 -4.32 -14.37
CA TRP B 211 8.30 -3.51 -14.55
C TRP B 211 9.44 -4.33 -15.11
N PHE B 212 9.69 -5.51 -14.52
CA PHE B 212 10.79 -6.35 -14.99
C PHE B 212 10.62 -6.72 -16.45
N LEU B 213 9.39 -7.11 -16.84
CA LEU B 213 9.18 -7.58 -18.20
C LEU B 213 9.26 -6.45 -19.21
N SER B 214 8.98 -5.22 -18.80
CA SER B 214 9.08 -4.11 -19.72
C SER B 214 10.45 -3.41 -19.68
N GLN B 215 11.12 -3.37 -18.52
CA GLN B 215 12.32 -2.56 -18.39
C GLN B 215 13.62 -3.35 -18.35
N VAL B 216 13.61 -4.62 -17.93
CA VAL B 216 14.81 -5.42 -17.82
C VAL B 216 14.82 -6.57 -18.83
N ALA B 217 13.69 -7.29 -18.94
CA ALA B 217 13.65 -8.48 -19.79
C ALA B 217 14.01 -8.23 -21.26
N PRO B 218 13.52 -7.17 -21.93
CA PRO B 218 13.82 -7.04 -23.37
C PRO B 218 15.30 -7.02 -23.71
N ASN B 219 16.15 -6.60 -22.78
CA ASN B 219 17.58 -6.49 -23.04
C ASN B 219 18.33 -7.79 -22.76
N LEU B 220 17.63 -8.85 -22.37
CA LEU B 220 18.26 -10.14 -22.13
C LEU B 220 18.27 -10.97 -23.41
N ASP B 221 19.26 -11.86 -23.49
CA ASP B 221 19.64 -12.55 -24.74
C ASP B 221 20.06 -11.53 -25.80
#